data_4L6R
#
_entry.id   4L6R
#
_cell.length_a   56.615
_cell.length_b   66.651
_cell.length_c   163.331
_cell.angle_alpha   90.00
_cell.angle_beta   90.00
_cell.angle_gamma   90.00
#
_symmetry.space_group_name_H-M   'P 21 21 21'
#
loop_
_entity.id
_entity.type
_entity.pdbx_description
1 polymer 'Soluble cytochrome b562 and Glucagon receptor chimera'
2 non-polymer DI(HYDROXYETHYL)ETHER
#
_entity_poly.entity_id   1
_entity_poly.type   'polypeptide(L)'
_entity_poly.pdbx_seq_one_letter_code
;ADLEDNWETLNDNLKVIEKADNAAQVKDALTKMRAAALDAQKATPPKLEDKSPDSPEMKDFRHGFDILVGQIDDALKLAN
EGKVKEAQAAAEQLKTTRNAYIQKYLMDGEEIEVQKEVAKMYSSFQVMYTVGYSLSLGALLLALAILGGLSKLHCTRNAI
HANLFASFVLKASSVLVIDGLLRTRYSQKIGDDLSVSTWLSDGAVAGCRVAAVFMQYGIVANYCWLLVEGLYLHNLLGLA
TLPERSFFSLYLGIGWGAPMLFVVPWAVVKCLFENVQCWTSNDNMGFWWILRFPVFLAILINFFIFVRIVQLLVAKLRAR
QMHHTDYKFRLAKSTLTLIPLLGVHEVVFAFVTDEHAQGTLRSAKLFFDLFLSSFQGLLVAVLYCFLNKEVQSELRRRWH
RWRLGKVLWEERNTSNGRPLEVLFQ
;
_entity_poly.pdbx_strand_id   A
#
loop_
_chem_comp.id
_chem_comp.type
_chem_comp.name
_chem_comp.formula
PEG non-polymer DI(HYDROXYETHYL)ETHER 'C4 H10 O3'
#
# COMPACT_ATOMS: atom_id res chain seq x y z
N ALA A 1 -24.90 -8.49 -16.20
CA ALA A 1 -26.20 -8.92 -15.70
C ALA A 1 -26.71 -7.99 -14.60
N ASP A 2 -26.03 -7.97 -13.41
CA ASP A 2 -26.34 -7.11 -12.23
C ASP A 2 -26.29 -5.65 -12.65
N LEU A 3 -27.25 -4.79 -12.23
CA LEU A 3 -27.32 -3.37 -12.65
C LEU A 3 -26.10 -2.54 -12.19
N GLU A 4 -25.66 -2.74 -10.94
CA GLU A 4 -24.56 -2.00 -10.38
C GLU A 4 -23.28 -2.26 -11.16
N ASP A 5 -23.12 -3.48 -11.68
CA ASP A 5 -21.96 -3.88 -12.47
C ASP A 5 -21.93 -3.13 -13.76
N ASN A 6 -23.07 -3.09 -14.50
CA ASN A 6 -23.20 -2.33 -15.74
C ASN A 6 -23.10 -0.84 -15.45
N TRP A 7 -23.59 -0.43 -14.30
CA TRP A 7 -23.52 0.96 -13.89
C TRP A 7 -22.06 1.38 -13.66
N GLU A 8 -21.22 0.44 -13.17
CA GLU A 8 -19.82 0.70 -12.94
C GLU A 8 -19.09 0.75 -14.27
N THR A 9 -19.46 -0.12 -15.22
CA THR A 9 -18.90 -0.14 -16.57
C THR A 9 -19.10 1.20 -17.22
N LEU A 10 -20.31 1.77 -17.08
CA LEU A 10 -20.62 3.06 -17.68
C LEU A 10 -19.75 4.16 -17.08
N ASN A 11 -19.58 4.17 -15.75
CA ASN A 11 -18.77 5.19 -15.09
C ASN A 11 -17.29 5.09 -15.45
N ASP A 12 -16.69 3.89 -15.36
CA ASP A 12 -15.27 3.73 -15.68
C ASP A 12 -14.99 4.07 -17.13
N ASN A 13 -15.89 3.70 -18.05
CA ASN A 13 -15.63 3.97 -19.46
C ASN A 13 -15.84 5.46 -19.77
N LEU A 14 -16.63 6.18 -18.97
CA LEU A 14 -16.71 7.64 -19.13
C LEU A 14 -15.37 8.23 -18.85
N LYS A 15 -14.70 7.67 -17.84
CA LYS A 15 -13.36 8.08 -17.43
C LYS A 15 -12.37 7.79 -18.53
N VAL A 16 -12.48 6.61 -19.16
CA VAL A 16 -11.62 6.21 -20.28
C VAL A 16 -11.73 7.25 -21.39
N ILE A 17 -12.98 7.62 -21.73
CA ILE A 17 -13.26 8.60 -22.78
C ILE A 17 -12.67 9.96 -22.42
N GLU A 18 -12.93 10.42 -21.19
CA GLU A 18 -12.42 11.69 -20.69
C GLU A 18 -10.90 11.79 -20.80
N LYS A 19 -10.17 10.71 -20.52
CA LYS A 19 -8.72 10.72 -20.54
C LYS A 19 -8.13 10.18 -21.88
N ALA A 20 -8.98 9.79 -22.85
CA ALA A 20 -8.51 9.25 -24.13
C ALA A 20 -7.72 10.28 -24.93
N ASP A 21 -6.77 9.80 -25.74
CA ASP A 21 -5.93 10.64 -26.58
C ASP A 21 -6.22 10.39 -28.05
N ASN A 22 -6.97 9.32 -28.37
CA ASN A 22 -7.29 9.00 -29.75
C ASN A 22 -8.71 8.44 -29.88
N ALA A 23 -9.24 8.46 -31.12
CA ALA A 23 -10.59 8.03 -31.44
C ALA A 23 -10.82 6.54 -31.16
N ALA A 24 -9.80 5.68 -31.37
CA ALA A 24 -9.91 4.24 -31.13
C ALA A 24 -10.24 3.94 -29.67
N GLN A 25 -9.58 4.65 -28.74
CA GLN A 25 -9.81 4.51 -27.30
C GLN A 25 -11.24 4.91 -26.96
N VAL A 26 -11.71 6.02 -27.54
CA VAL A 26 -13.05 6.53 -27.34
C VAL A 26 -14.05 5.50 -27.87
N LYS A 27 -13.82 4.99 -29.08
CA LYS A 27 -14.68 4.01 -29.72
C LYS A 27 -14.84 2.76 -28.89
N ASP A 28 -13.72 2.21 -28.40
CA ASP A 28 -13.75 0.99 -27.63
C ASP A 28 -14.55 1.19 -26.33
N ALA A 29 -14.35 2.35 -25.65
CA ALA A 29 -15.06 2.66 -24.40
C ALA A 29 -16.55 2.80 -24.66
N LEU A 30 -16.92 3.53 -25.72
CA LEU A 30 -18.33 3.70 -26.08
C LEU A 30 -18.98 2.36 -26.41
N THR A 31 -18.21 1.44 -27.03
CA THR A 31 -18.72 0.11 -27.34
C THR A 31 -19.13 -0.61 -26.05
N LYS A 32 -18.26 -0.56 -25.02
CA LYS A 32 -18.51 -1.18 -23.72
C LYS A 32 -19.69 -0.51 -23.02
N MET A 33 -19.84 0.81 -23.20
CA MET A 33 -20.96 1.54 -22.62
C MET A 33 -22.26 1.12 -23.28
N ARG A 34 -22.24 0.92 -24.61
CA ARG A 34 -23.45 0.51 -25.32
C ARG A 34 -23.93 -0.86 -24.83
N ALA A 35 -23.00 -1.81 -24.73
CA ALA A 35 -23.31 -3.15 -24.26
C ALA A 35 -23.85 -3.12 -22.84
N ALA A 36 -23.22 -2.27 -21.97
CA ALA A 36 -23.63 -2.12 -20.57
C ALA A 36 -25.03 -1.56 -20.48
N ALA A 37 -25.33 -0.51 -21.29
CA ALA A 37 -26.64 0.12 -21.31
C ALA A 37 -27.71 -0.87 -21.74
N LEU A 38 -27.40 -1.71 -22.74
CA LEU A 38 -28.33 -2.72 -23.24
C LEU A 38 -28.67 -3.74 -22.14
N ASP A 39 -27.69 -4.11 -21.30
CA ASP A 39 -27.90 -5.05 -20.21
C ASP A 39 -28.68 -4.42 -19.08
N ALA A 40 -28.31 -3.19 -18.71
CA ALA A 40 -28.96 -2.43 -17.63
C ALA A 40 -30.42 -2.19 -17.93
N GLN A 41 -30.73 -1.98 -19.21
CA GLN A 41 -32.08 -1.75 -19.70
C GLN A 41 -32.99 -2.94 -19.38
N LYS A 42 -32.44 -4.14 -19.21
CA LYS A 42 -33.24 -5.34 -18.96
C LYS A 42 -33.37 -5.63 -17.46
N ALA A 43 -32.66 -4.88 -16.62
CA ALA A 43 -32.68 -5.06 -15.17
C ALA A 43 -33.84 -4.32 -14.52
N THR A 44 -34.07 -4.59 -13.23
CA THR A 44 -35.09 -3.94 -12.42
C THR A 44 -34.42 -3.16 -11.31
N PRO A 45 -34.48 -1.81 -11.37
CA PRO A 45 -33.87 -1.01 -10.31
C PRO A 45 -34.53 -1.30 -8.95
N PRO A 46 -33.81 -1.04 -7.85
CA PRO A 46 -34.34 -1.34 -6.50
C PRO A 46 -35.70 -0.70 -6.18
N LYS A 47 -35.93 0.53 -6.63
CA LYS A 47 -37.16 1.27 -6.36
C LYS A 47 -38.35 0.71 -7.16
N LEU A 48 -38.10 -0.18 -8.13
CA LEU A 48 -39.19 -0.69 -8.95
C LEU A 48 -39.33 -2.22 -8.84
N GLU A 49 -38.68 -2.85 -7.85
CA GLU A 49 -38.75 -4.30 -7.63
C GLU A 49 -40.18 -4.77 -7.32
N ASP A 50 -40.93 -3.94 -6.58
CA ASP A 50 -42.31 -4.25 -6.21
C ASP A 50 -43.27 -3.92 -7.35
N LYS A 51 -42.81 -3.14 -8.32
CA LYS A 51 -43.62 -2.72 -9.46
C LYS A 51 -43.70 -3.82 -10.51
N SER A 52 -44.72 -3.71 -11.36
CA SER A 52 -44.93 -4.62 -12.47
C SER A 52 -43.88 -4.37 -13.53
N PRO A 53 -43.41 -5.44 -14.22
CA PRO A 53 -42.42 -5.24 -15.29
C PRO A 53 -42.98 -4.39 -16.43
N ASP A 54 -44.31 -4.22 -16.48
CA ASP A 54 -44.99 -3.45 -17.51
C ASP A 54 -45.49 -2.11 -16.95
N SER A 55 -45.11 -1.78 -15.72
CA SER A 55 -45.50 -0.53 -15.09
C SER A 55 -45.00 0.69 -15.89
N PRO A 56 -45.69 1.85 -15.75
CA PRO A 56 -45.21 3.07 -16.43
C PRO A 56 -43.80 3.47 -16.01
N GLU A 57 -43.44 3.15 -14.75
CA GLU A 57 -42.11 3.44 -14.22
C GLU A 57 -41.07 2.60 -14.95
N MET A 58 -41.32 1.28 -15.10
CA MET A 58 -40.41 0.38 -15.82
C MET A 58 -40.28 0.78 -17.28
N LYS A 59 -41.37 1.27 -17.89
CA LYS A 59 -41.34 1.72 -19.27
C LYS A 59 -40.51 3.01 -19.38
N ASP A 60 -40.63 3.87 -18.35
CA ASP A 60 -39.85 5.10 -18.26
C ASP A 60 -38.38 4.75 -18.08
N PHE A 61 -38.11 3.79 -17.18
CA PHE A 61 -36.76 3.30 -16.92
C PHE A 61 -36.11 2.83 -18.21
N ARG A 62 -36.83 2.00 -18.98
CA ARG A 62 -36.33 1.45 -20.22
C ARG A 62 -36.18 2.55 -21.30
N HIS A 63 -37.07 3.55 -21.33
CA HIS A 63 -36.96 4.60 -22.33
C HIS A 63 -35.70 5.45 -22.09
N GLY A 64 -35.32 5.63 -20.83
CA GLY A 64 -34.14 6.40 -20.52
C GLY A 64 -32.92 5.78 -21.16
N PHE A 65 -32.89 4.43 -21.16
CA PHE A 65 -31.79 3.69 -21.75
C PHE A 65 -31.86 3.75 -23.27
N ASP A 66 -33.06 3.85 -23.86
CA ASP A 66 -33.19 4.02 -25.30
C ASP A 66 -32.57 5.35 -25.69
N ILE A 67 -32.80 6.39 -24.87
CA ILE A 67 -32.23 7.71 -25.11
C ILE A 67 -30.70 7.64 -24.99
N LEU A 68 -30.22 6.97 -23.93
CA LEU A 68 -28.79 6.82 -23.68
C LEU A 68 -28.12 6.10 -24.84
N VAL A 69 -28.68 4.98 -25.28
CA VAL A 69 -28.14 4.21 -26.40
C VAL A 69 -28.08 5.12 -27.64
N GLY A 70 -29.11 5.95 -27.81
CA GLY A 70 -29.16 6.89 -28.92
C GLY A 70 -28.00 7.86 -28.89
N GLN A 71 -27.72 8.40 -27.72
CA GLN A 71 -26.64 9.37 -27.53
C GLN A 71 -25.29 8.70 -27.71
N ILE A 72 -25.18 7.44 -27.26
CA ILE A 72 -23.95 6.66 -27.39
C ILE A 72 -23.66 6.46 -28.86
N ASP A 73 -24.69 6.12 -29.64
CA ASP A 73 -24.55 5.89 -31.08
C ASP A 73 -24.12 7.17 -31.80
N ASP A 74 -24.62 8.33 -31.33
CA ASP A 74 -24.25 9.63 -31.88
C ASP A 74 -22.78 9.91 -31.62
N ALA A 75 -22.30 9.56 -30.42
CA ALA A 75 -20.91 9.73 -30.04
C ALA A 75 -20.02 8.77 -30.84
N LEU A 76 -20.54 7.55 -31.10
CA LEU A 76 -19.83 6.55 -31.88
C LEU A 76 -19.59 7.02 -33.30
N LYS A 77 -20.61 7.67 -33.90
CA LYS A 77 -20.50 8.20 -35.25
C LYS A 77 -19.37 9.21 -35.32
N LEU A 78 -19.30 10.09 -34.31
CA LEU A 78 -18.26 11.10 -34.21
C LEU A 78 -16.88 10.46 -34.10
N ALA A 79 -16.73 9.49 -33.19
CA ALA A 79 -15.47 8.78 -32.98
C ALA A 79 -15.04 8.05 -34.26
N ASN A 80 -16.01 7.48 -34.99
CA ASN A 80 -15.72 6.77 -36.22
C ASN A 80 -15.27 7.71 -37.34
N GLU A 81 -15.54 9.01 -37.19
CA GLU A 81 -15.14 10.03 -38.15
C GLU A 81 -13.80 10.65 -37.73
N GLY A 82 -13.26 10.19 -36.60
CA GLY A 82 -12.00 10.67 -36.05
C GLY A 82 -12.12 11.92 -35.20
N LYS A 83 -13.35 12.33 -34.91
CA LYS A 83 -13.63 13.54 -34.13
C LYS A 83 -13.57 13.25 -32.63
N VAL A 84 -12.35 13.05 -32.11
CA VAL A 84 -12.10 12.73 -30.70
C VAL A 84 -12.76 13.77 -29.77
N LYS A 85 -12.39 15.04 -29.92
CA LYS A 85 -12.89 16.12 -29.09
C LYS A 85 -14.42 16.18 -29.09
N GLU A 86 -15.05 16.09 -30.27
CA GLU A 86 -16.51 16.14 -30.37
C GLU A 86 -17.14 14.95 -29.69
N ALA A 87 -16.54 13.75 -29.85
CA ALA A 87 -17.06 12.54 -29.24
C ALA A 87 -16.95 12.62 -27.73
N GLN A 88 -15.83 13.18 -27.23
CA GLN A 88 -15.63 13.35 -25.79
C GLN A 88 -16.66 14.32 -25.23
N ALA A 89 -16.94 15.40 -25.96
CA ALA A 89 -17.93 16.39 -25.55
C ALA A 89 -19.31 15.75 -25.51
N ALA A 90 -19.63 14.91 -26.51
CA ALA A 90 -20.90 14.20 -26.59
C ALA A 90 -21.07 13.27 -25.41
N ALA A 91 -19.99 12.56 -25.00
CA ALA A 91 -20.04 11.62 -23.88
C ALA A 91 -20.34 12.34 -22.55
N GLU A 92 -19.94 13.61 -22.42
CA GLU A 92 -20.18 14.41 -21.22
C GLU A 92 -21.68 14.66 -21.01
N GLN A 93 -22.50 14.53 -22.06
CA GLN A 93 -23.93 14.80 -22.01
C GLN A 93 -24.74 13.54 -21.61
N LEU A 94 -24.09 12.36 -21.50
CA LEU A 94 -24.78 11.13 -21.09
C LEU A 94 -25.26 11.21 -19.66
N LYS A 95 -24.44 11.78 -18.79
CA LYS A 95 -24.72 11.95 -17.35
C LYS A 95 -26.04 12.71 -17.16
N THR A 96 -26.33 13.66 -18.04
CA THR A 96 -27.55 14.47 -17.97
C THR A 96 -28.78 13.56 -18.12
N THR A 97 -28.75 12.63 -19.10
CA THR A 97 -29.87 11.71 -19.32
C THR A 97 -30.02 10.73 -18.18
N ARG A 98 -28.89 10.17 -17.71
CA ARG A 98 -28.90 9.19 -16.63
C ARG A 98 -29.51 9.78 -15.37
N ASN A 99 -29.11 11.00 -14.99
CA ASN A 99 -29.58 11.71 -13.79
C ASN A 99 -31.10 11.96 -13.86
N ALA A 100 -31.63 12.40 -15.01
CA ALA A 100 -33.04 12.74 -15.16
C ALA A 100 -33.94 11.50 -15.32
N TYR A 101 -33.48 10.47 -16.03
CA TYR A 101 -34.36 9.32 -16.28
C TYR A 101 -34.15 8.13 -15.32
N ILE A 102 -32.89 7.73 -15.08
CA ILE A 102 -32.62 6.52 -14.32
C ILE A 102 -32.28 6.79 -12.85
N GLN A 103 -31.51 7.85 -12.54
CA GLN A 103 -31.03 8.10 -11.17
C GLN A 103 -32.16 8.10 -10.13
N LYS A 104 -33.34 8.64 -10.45
CA LYS A 104 -34.47 8.68 -9.51
C LYS A 104 -34.93 7.27 -9.08
N TYR A 105 -34.53 6.22 -9.84
CA TYR A 105 -34.93 4.84 -9.55
C TYR A 105 -33.86 4.01 -8.83
N LEU A 106 -32.77 4.64 -8.37
CA LEU A 106 -31.74 3.91 -7.63
C LEU A 106 -31.72 4.43 -6.20
N MET A 107 -31.91 5.74 -6.03
CA MET A 107 -31.98 6.40 -4.74
C MET A 107 -33.43 6.34 -4.19
N ASP A 108 -33.75 5.25 -3.48
CA ASP A 108 -35.05 5.11 -2.82
C ASP A 108 -34.81 5.03 -1.30
N GLY A 109 -35.91 5.06 -0.52
CA GLY A 109 -35.88 5.02 0.94
C GLY A 109 -34.78 4.17 1.54
N GLU A 110 -34.64 2.92 1.06
CA GLU A 110 -33.66 1.96 1.57
C GLU A 110 -32.25 2.22 0.99
N GLU A 111 -32.16 2.51 -0.34
CA GLU A 111 -30.86 2.66 -1.02
C GLU A 111 -30.16 3.99 -0.67
N ILE A 112 -30.92 5.02 -0.25
CA ILE A 112 -30.32 6.30 0.12
C ILE A 112 -29.63 6.16 1.52
N GLU A 113 -30.00 5.13 2.32
CA GLU A 113 -29.46 4.83 3.67
C GLU A 113 -28.13 4.06 3.58
N VAL A 114 -28.06 3.07 2.65
CA VAL A 114 -26.89 2.23 2.34
C VAL A 114 -25.70 3.15 2.00
N GLN A 115 -25.97 4.20 1.21
CA GLN A 115 -25.02 5.25 0.80
C GLN A 115 -24.22 5.80 1.99
N LYS A 116 -24.87 5.97 3.16
CA LYS A 116 -24.25 6.49 4.38
C LYS A 116 -23.52 5.38 5.15
N GLU A 117 -24.07 4.14 5.10
CA GLU A 117 -23.52 2.96 5.81
C GLU A 117 -22.17 2.57 5.20
N VAL A 118 -22.11 2.56 3.85
CA VAL A 118 -20.91 2.31 3.07
C VAL A 118 -19.89 3.45 3.34
N ALA A 119 -20.40 4.71 3.43
CA ALA A 119 -19.60 5.92 3.65
C ALA A 119 -18.88 5.91 5.00
N LYS A 120 -19.58 5.45 6.08
CA LYS A 120 -18.99 5.46 7.42
C LYS A 120 -18.03 4.26 7.57
N MET A 121 -18.02 3.34 6.60
CA MET A 121 -17.14 2.18 6.57
C MET A 121 -15.77 2.55 5.98
N TYR A 122 -15.76 3.36 4.90
CA TYR A 122 -14.51 3.82 4.31
C TYR A 122 -13.81 4.83 5.23
N SER A 123 -14.57 5.67 5.97
CA SER A 123 -13.98 6.60 6.93
C SER A 123 -13.50 5.86 8.18
N SER A 124 -14.09 4.66 8.49
CA SER A 124 -13.63 3.83 9.61
C SER A 124 -12.34 3.14 9.22
N PHE A 125 -12.25 2.65 7.95
CA PHE A 125 -11.02 2.06 7.42
C PHE A 125 -9.92 3.10 7.37
N GLN A 126 -10.29 4.39 7.21
CA GLN A 126 -9.41 5.56 7.19
C GLN A 126 -8.74 5.75 8.55
N VAL A 127 -9.43 5.50 9.67
CA VAL A 127 -8.75 5.64 10.95
C VAL A 127 -8.13 4.29 11.30
N MET A 128 -8.73 3.19 10.80
CA MET A 128 -8.32 1.81 11.07
C MET A 128 -6.88 1.58 10.62
N TYR A 129 -6.40 2.32 9.58
CA TYR A 129 -5.01 2.23 9.13
C TYR A 129 -4.20 3.38 9.75
N THR A 130 -4.87 4.51 10.11
CA THR A 130 -4.21 5.65 10.76
C THR A 130 -3.78 5.21 12.15
N VAL A 131 -4.65 4.43 12.85
CA VAL A 131 -4.36 3.89 14.18
C VAL A 131 -3.17 2.90 14.05
N GLY A 132 -3.29 1.96 13.10
CA GLY A 132 -2.27 0.95 12.82
C GLY A 132 -0.90 1.53 12.67
N TYR A 133 -0.75 2.56 11.81
CA TYR A 133 0.51 3.28 11.57
C TYR A 133 0.96 4.10 12.77
N SER A 134 0.04 4.75 13.53
CA SER A 134 0.43 5.57 14.68
C SER A 134 1.03 4.69 15.78
N LEU A 135 0.43 3.50 16.03
CA LEU A 135 0.92 2.49 16.98
C LEU A 135 2.24 1.85 16.44
N SER A 136 2.28 1.59 15.13
CA SER A 136 3.43 1.06 14.40
C SER A 136 4.62 2.05 14.51
N LEU A 137 4.34 3.37 14.40
CA LEU A 137 5.26 4.51 14.57
C LEU A 137 5.80 4.55 15.99
N GLY A 138 4.88 4.66 16.96
CA GLY A 138 5.16 4.71 18.38
C GLY A 138 5.96 3.53 18.89
N ALA A 139 5.65 2.31 18.36
CA ALA A 139 6.37 1.08 18.71
C ALA A 139 7.86 1.25 18.38
N LEU A 140 8.17 1.62 17.12
CA LEU A 140 9.51 1.85 16.61
C LEU A 140 10.21 3.00 17.32
N LEU A 141 9.48 4.09 17.67
CA LEU A 141 10.05 5.22 18.40
C LEU A 141 10.51 4.78 19.80
N LEU A 142 9.74 3.87 20.42
CA LEU A 142 10.05 3.30 21.72
C LEU A 142 11.16 2.23 21.59
N ALA A 143 11.07 1.36 20.57
CA ALA A 143 12.02 0.27 20.32
C ALA A 143 13.43 0.80 20.11
N LEU A 144 13.55 1.94 19.43
CA LEU A 144 14.83 2.60 19.15
C LEU A 144 15.32 3.35 20.35
N ALA A 145 14.41 3.98 21.10
CA ALA A 145 14.75 4.76 22.30
C ALA A 145 15.39 3.89 23.37
N ILE A 146 15.06 2.59 23.41
CA ILE A 146 15.60 1.71 24.43
C ILE A 146 16.97 1.13 23.90
N LEU A 147 17.05 0.76 22.60
CA LEU A 147 18.30 0.23 22.02
C LEU A 147 19.37 1.33 21.89
N GLY A 148 18.94 2.53 21.51
CA GLY A 148 19.83 3.68 21.40
C GLY A 148 20.17 4.23 22.76
N GLY A 149 21.46 4.31 23.05
CA GLY A 149 21.96 4.78 24.34
C GLY A 149 21.71 3.73 25.40
N LEU A 150 22.61 2.72 25.45
CA LEU A 150 22.54 1.58 26.37
C LEU A 150 23.91 0.83 26.40
N SER A 151 23.88 -0.44 26.83
CA SER A 151 24.98 -1.39 26.75
C SER A 151 24.77 -2.23 25.49
N LYS A 152 23.55 -2.06 24.87
CA LYS A 152 23.12 -2.61 23.58
C LYS A 152 23.76 -1.83 22.45
N LEU A 153 24.05 -0.54 22.71
CA LEU A 153 24.73 0.43 21.85
C LEU A 153 26.07 -0.15 21.37
N HIS A 154 26.71 -0.99 22.20
CA HIS A 154 27.98 -1.65 21.92
C HIS A 154 27.79 -2.88 20.98
N CYS A 155 26.54 -3.13 20.51
CA CYS A 155 26.23 -4.25 19.61
C CYS A 155 26.14 -3.73 18.16
N THR A 156 26.58 -4.54 17.18
CA THR A 156 26.54 -4.18 15.75
C THR A 156 25.22 -4.69 15.14
N ARG A 157 24.66 -5.81 15.67
CA ARG A 157 23.35 -6.35 15.26
C ARG A 157 22.27 -5.32 15.57
N ASN A 158 22.35 -4.71 16.76
CA ASN A 158 21.45 -3.69 17.27
C ASN A 158 21.82 -2.30 16.64
N ALA A 159 22.06 -2.31 15.33
CA ALA A 159 22.38 -1.16 14.47
C ALA A 159 21.82 -1.41 13.07
N ILE A 160 21.92 -2.68 12.59
CA ILE A 160 21.36 -3.14 11.30
C ILE A 160 19.82 -3.30 11.49
N HIS A 161 19.35 -3.18 12.77
CA HIS A 161 17.96 -3.13 13.23
C HIS A 161 17.51 -1.71 13.40
N ALA A 162 18.36 -0.90 14.07
CA ALA A 162 18.16 0.51 14.40
C ALA A 162 17.92 1.36 13.15
N ASN A 163 18.35 0.82 11.99
CA ASN A 163 18.16 1.43 10.68
C ASN A 163 16.95 0.78 9.99
N LEU A 164 16.76 -0.55 10.16
CA LEU A 164 15.57 -1.26 9.68
C LEU A 164 14.34 -0.63 10.29
N PHE A 165 14.42 -0.27 11.59
CA PHE A 165 13.34 0.42 12.29
C PHE A 165 13.25 1.87 11.81
N ALA A 166 14.39 2.46 11.39
CA ALA A 166 14.43 3.83 10.88
C ALA A 166 13.79 3.93 9.49
N SER A 167 13.74 2.81 8.72
CA SER A 167 13.14 2.81 7.38
C SER A 167 11.62 2.73 7.47
N PHE A 168 11.10 1.99 8.48
CA PHE A 168 9.66 1.87 8.69
C PHE A 168 9.09 3.11 9.40
N VAL A 169 9.90 3.82 10.23
CA VAL A 169 9.44 5.02 10.95
C VAL A 169 9.35 6.19 9.96
N LEU A 170 10.26 6.23 8.95
CA LEU A 170 10.27 7.27 7.91
C LEU A 170 9.04 7.15 7.01
N LYS A 171 8.65 5.88 6.68
CA LYS A 171 7.46 5.54 5.89
C LYS A 171 6.16 5.90 6.62
N ALA A 172 5.94 5.33 7.82
CA ALA A 172 4.73 5.51 8.64
C ALA A 172 4.43 7.00 8.89
N SER A 173 5.48 7.80 9.16
CA SER A 173 5.36 9.25 9.38
C SER A 173 5.00 9.98 8.07
N SER A 174 5.53 9.49 6.93
CA SER A 174 5.22 10.07 5.62
C SER A 174 3.75 9.85 5.28
N VAL A 175 3.22 8.63 5.55
CA VAL A 175 1.82 8.29 5.29
C VAL A 175 0.89 9.18 6.16
N LEU A 176 1.29 9.52 7.41
CA LEU A 176 0.47 10.37 8.30
C LEU A 176 0.53 11.85 7.89
N VAL A 177 1.43 12.23 6.97
CA VAL A 177 1.52 13.61 6.48
C VAL A 177 0.68 13.68 5.16
N ILE A 178 0.63 12.55 4.38
CA ILE A 178 -0.19 12.43 3.18
C ILE A 178 -1.67 12.43 3.63
N ASP A 179 -2.03 11.49 4.53
CA ASP A 179 -3.35 11.37 5.16
C ASP A 179 -3.83 12.70 5.77
N GLY A 180 -2.91 13.37 6.49
CA GLY A 180 -3.16 14.65 7.15
C GLY A 180 -3.47 15.79 6.20
N LEU A 181 -2.57 16.02 5.21
CA LEU A 181 -2.71 17.09 4.22
C LEU A 181 -3.88 16.85 3.24
N LEU A 182 -4.25 15.56 2.99
CA LEU A 182 -5.35 15.24 2.07
C LEU A 182 -6.73 15.57 2.70
N ARG A 183 -6.76 15.98 3.99
CA ARG A 183 -8.00 16.39 4.64
C ARG A 183 -7.71 17.66 5.50
N THR A 184 -7.59 18.81 4.80
CA THR A 184 -7.37 20.15 5.37
C THR A 184 -8.19 21.20 4.58
N LEU A 200 -1.04 30.94 -1.58
CA LEU A 200 -1.61 30.92 -0.24
C LEU A 200 -1.76 29.47 0.25
N SER A 201 -2.67 28.69 -0.39
CA SER A 201 -2.94 27.27 -0.06
C SER A 201 -1.78 26.37 -0.50
N ASP A 202 -1.12 26.72 -1.64
CA ASP A 202 0.01 26.01 -2.24
C ASP A 202 1.20 25.93 -1.25
N GLY A 203 1.15 26.74 -0.19
CA GLY A 203 2.14 26.73 0.90
C GLY A 203 2.00 25.51 1.78
N ALA A 204 0.97 24.67 1.50
CA ALA A 204 0.67 23.42 2.18
C ALA A 204 0.38 22.29 1.15
N VAL A 205 -0.23 22.62 -0.02
CA VAL A 205 -0.58 21.67 -1.09
C VAL A 205 0.71 21.02 -1.66
N ALA A 206 1.78 21.84 -1.83
CA ALA A 206 3.08 21.36 -2.31
C ALA A 206 3.92 20.79 -1.14
N GLY A 207 3.41 20.97 0.08
CA GLY A 207 4.05 20.50 1.30
C GLY A 207 4.04 19.00 1.48
N CYS A 208 3.03 18.30 0.92
CA CYS A 208 2.93 16.84 1.02
C CYS A 208 3.57 16.20 -0.22
N ARG A 209 3.78 17.00 -1.29
CA ARG A 209 4.43 16.55 -2.52
C ARG A 209 5.87 16.15 -2.22
N VAL A 210 6.56 16.94 -1.36
CA VAL A 210 7.93 16.68 -0.91
C VAL A 210 7.93 15.56 0.14
N ALA A 211 6.76 15.33 0.78
CA ALA A 211 6.58 14.27 1.77
C ALA A 211 6.35 12.92 1.10
N ALA A 212 5.71 12.90 -0.09
CA ALA A 212 5.44 11.69 -0.87
C ALA A 212 6.75 11.06 -1.36
N VAL A 213 7.83 11.87 -1.40
CA VAL A 213 9.19 11.49 -1.80
C VAL A 213 9.73 10.48 -0.79
N PHE A 214 9.71 10.86 0.50
CA PHE A 214 10.20 10.05 1.62
C PHE A 214 9.43 8.74 1.76
N MET A 215 8.14 8.74 1.38
CA MET A 215 7.29 7.55 1.51
C MET A 215 7.71 6.47 0.50
N GLN A 216 8.00 6.86 -0.75
CA GLN A 216 8.42 5.91 -1.78
C GLN A 216 9.89 5.50 -1.53
N TYR A 217 10.68 6.45 -0.98
CA TYR A 217 12.08 6.34 -0.55
C TYR A 217 12.17 5.25 0.54
N GLY A 218 11.42 5.46 1.63
CA GLY A 218 11.34 4.57 2.79
C GLY A 218 10.41 3.38 2.61
N ILE A 219 9.88 3.16 1.38
CA ILE A 219 9.03 2.01 1.05
C ILE A 219 9.90 0.92 0.41
N VAL A 220 10.96 1.36 -0.26
CA VAL A 220 11.91 0.47 -0.90
C VAL A 220 13.01 0.21 0.12
N ALA A 221 13.40 1.26 0.89
CA ALA A 221 14.44 1.19 1.92
C ALA A 221 14.15 0.09 2.93
N ASN A 222 12.86 -0.12 3.28
CA ASN A 222 12.47 -1.18 4.22
C ASN A 222 12.53 -2.58 3.51
N TYR A 223 13.33 -2.70 2.43
CA TYR A 223 13.52 -3.96 1.71
C TYR A 223 15.02 -4.22 1.48
N CYS A 224 15.89 -3.19 1.62
CA CYS A 224 17.36 -3.40 1.58
C CYS A 224 17.82 -3.75 3.00
N TRP A 225 17.14 -3.15 3.99
CA TRP A 225 17.36 -3.44 5.39
C TRP A 225 16.78 -4.81 5.69
N LEU A 226 15.81 -5.25 4.86
CA LEU A 226 15.26 -6.60 4.96
C LEU A 226 16.18 -7.57 4.19
N LEU A 227 17.06 -7.02 3.33
CA LEU A 227 18.06 -7.81 2.61
C LEU A 227 19.27 -8.03 3.51
N VAL A 228 19.70 -6.96 4.22
CA VAL A 228 20.78 -6.94 5.21
C VAL A 228 20.47 -8.03 6.29
N GLU A 229 19.26 -8.02 6.90
CA GLU A 229 18.83 -8.98 7.94
C GLU A 229 18.90 -10.44 7.48
N GLY A 230 18.65 -10.69 6.20
CA GLY A 230 18.71 -12.03 5.62
C GLY A 230 20.13 -12.47 5.32
N LEU A 231 20.99 -11.53 4.88
CA LEU A 231 22.39 -11.82 4.53
C LEU A 231 23.29 -11.88 5.76
N TYR A 232 23.11 -10.97 6.73
CA TYR A 232 23.96 -10.90 7.94
C TYR A 232 23.43 -11.86 9.03
N LEU A 233 22.74 -12.91 8.59
CA LEU A 233 22.34 -14.10 9.33
C LEU A 233 23.09 -15.27 8.72
N HIS A 234 23.35 -15.15 7.40
CA HIS A 234 24.08 -16.09 6.55
C HIS A 234 25.58 -15.74 6.57
N ASN A 235 25.94 -14.59 5.96
CA ASN A 235 27.30 -14.07 5.85
C ASN A 235 27.94 -13.89 7.23
N LEU A 236 27.12 -13.63 8.26
CA LEU A 236 27.62 -13.43 9.61
C LEU A 236 27.46 -14.75 10.43
N LEU A 237 26.26 -15.04 10.99
CA LEU A 237 26.02 -16.20 11.86
C LEU A 237 25.98 -17.54 11.09
N GLY A 238 25.47 -17.54 9.86
CA GLY A 238 25.38 -18.76 9.06
C GLY A 238 26.75 -19.39 8.88
N LEU A 239 27.71 -18.59 8.38
CA LEU A 239 29.11 -18.99 8.15
C LEU A 239 29.83 -19.16 9.49
N ALA A 240 29.77 -18.12 10.36
CA ALA A 240 30.39 -18.04 11.70
C ALA A 240 31.86 -18.51 11.68
N THR A 241 32.57 -18.23 10.56
CA THR A 241 33.98 -18.61 10.36
C THR A 241 34.84 -17.39 9.92
N LEU A 242 34.23 -16.41 9.20
CA LEU A 242 34.92 -15.22 8.67
C LEU A 242 35.21 -14.17 9.76
N PRO A 243 36.41 -13.52 9.73
CA PRO A 243 36.77 -12.55 10.78
C PRO A 243 35.99 -11.22 10.68
N GLU A 244 35.77 -10.71 9.45
CA GLU A 244 35.04 -9.45 9.22
C GLU A 244 33.61 -9.53 9.75
N ARG A 245 33.21 -8.54 10.59
CA ARG A 245 31.88 -8.47 11.22
C ARG A 245 31.47 -7.00 11.51
N SER A 246 32.37 -6.21 12.12
CA SER A 246 32.15 -4.82 12.53
C SER A 246 32.50 -3.81 11.42
N PHE A 247 33.45 -4.16 10.52
CA PHE A 247 33.91 -3.29 9.43
C PHE A 247 32.97 -3.34 8.20
N PHE A 248 31.77 -3.95 8.34
CA PHE A 248 30.79 -4.02 7.25
C PHE A 248 29.98 -2.71 7.09
N SER A 249 30.38 -1.60 7.78
CA SER A 249 29.73 -0.28 7.66
C SER A 249 29.83 0.24 6.22
N LEU A 250 30.74 -0.36 5.43
CA LEU A 250 31.00 -0.11 4.02
C LEU A 250 29.87 -0.72 3.16
N TYR A 251 29.03 -1.60 3.77
CA TYR A 251 27.87 -2.25 3.14
C TYR A 251 26.65 -2.23 4.13
N LEU A 252 26.83 -1.63 5.32
CA LEU A 252 25.76 -1.49 6.32
C LEU A 252 24.81 -0.35 5.90
N GLY A 253 25.17 0.89 6.28
CA GLY A 253 24.43 2.09 5.93
C GLY A 253 24.69 2.51 4.50
N ILE A 254 25.18 1.56 3.68
CA ILE A 254 25.49 1.71 2.26
C ILE A 254 24.51 0.89 1.42
N GLY A 255 23.99 -0.19 2.03
CA GLY A 255 22.93 -1.02 1.46
C GLY A 255 21.70 -0.14 1.32
N TRP A 256 21.60 0.86 2.24
CA TRP A 256 20.67 2.00 2.32
C TRP A 256 20.65 2.79 0.99
N GLY A 257 21.75 2.71 0.22
CA GLY A 257 21.96 3.40 -1.04
C GLY A 257 21.21 2.89 -2.26
N ALA A 258 21.00 1.55 -2.37
CA ALA A 258 20.29 0.92 -3.52
C ALA A 258 18.81 1.42 -3.60
N PRO A 259 18.02 1.53 -2.48
CA PRO A 259 16.65 2.05 -2.60
C PRO A 259 16.57 3.58 -2.72
N MET A 260 17.71 4.23 -3.01
CA MET A 260 17.85 5.67 -3.20
C MET A 260 18.37 5.91 -4.62
N LEU A 261 19.43 5.18 -5.02
CA LEU A 261 20.03 5.29 -6.34
C LEU A 261 19.05 4.82 -7.45
N PHE A 262 18.52 3.59 -7.35
CA PHE A 262 17.61 3.03 -8.36
C PHE A 262 16.13 3.37 -8.04
N VAL A 263 15.87 4.51 -7.36
CA VAL A 263 14.51 4.96 -7.02
C VAL A 263 14.40 6.50 -7.21
N VAL A 264 15.20 7.28 -6.43
CA VAL A 264 15.16 8.76 -6.36
C VAL A 264 15.06 9.38 -7.76
N PRO A 265 16.00 9.19 -8.73
CA PRO A 265 15.81 9.85 -10.05
C PRO A 265 14.59 9.32 -10.80
N TRP A 266 14.32 7.99 -10.68
CA TRP A 266 13.22 7.28 -11.35
C TRP A 266 11.83 7.74 -10.83
N ALA A 267 11.80 8.69 -9.87
CA ALA A 267 10.55 9.21 -9.33
C ALA A 267 10.61 10.75 -9.20
N VAL A 268 11.79 11.35 -8.87
CA VAL A 268 11.89 12.82 -8.70
C VAL A 268 11.95 13.48 -10.08
N VAL A 269 12.67 12.86 -11.04
CA VAL A 269 12.80 13.39 -12.38
C VAL A 269 11.53 13.05 -13.19
N LYS A 270 10.97 11.83 -12.99
CA LYS A 270 9.75 11.38 -13.66
C LYS A 270 8.51 12.12 -13.13
N CYS A 271 8.60 12.74 -11.92
CA CYS A 271 7.50 13.49 -11.31
C CYS A 271 7.38 14.86 -11.99
N LEU A 272 8.47 15.65 -12.03
CA LEU A 272 8.51 16.99 -12.65
C LEU A 272 8.12 16.95 -14.16
N PHE A 273 8.15 15.74 -14.75
CA PHE A 273 7.80 15.42 -16.14
C PHE A 273 6.28 15.29 -16.28
N GLU A 274 5.63 14.46 -15.43
CA GLU A 274 4.19 14.24 -15.46
C GLU A 274 3.60 14.26 -14.03
N ASN A 275 3.67 15.45 -13.36
CA ASN A 275 3.15 15.66 -12.01
C ASN A 275 1.66 16.00 -12.04
N VAL A 276 0.90 15.48 -11.06
CA VAL A 276 -0.53 15.72 -10.97
C VAL A 276 -0.89 16.03 -9.50
N GLN A 277 -1.43 15.03 -8.79
CA GLN A 277 -1.84 15.15 -7.40
C GLN A 277 -0.66 14.91 -6.44
N CYS A 278 -0.93 14.99 -5.12
CA CYS A 278 0.05 14.78 -4.05
C CYS A 278 0.55 13.33 -4.11
N TRP A 279 -0.35 12.36 -3.86
CA TRP A 279 -0.04 10.93 -3.97
C TRP A 279 -0.12 10.53 -5.45
N THR A 280 1.04 10.59 -6.14
CA THR A 280 1.17 10.33 -7.58
C THR A 280 0.58 8.95 -7.94
N SER A 281 -0.30 8.95 -8.97
CA SER A 281 -1.01 7.77 -9.47
C SER A 281 -0.14 6.96 -10.45
N ASN A 282 -0.67 5.78 -10.88
CA ASN A 282 -0.03 4.84 -11.79
C ASN A 282 0.36 5.49 -13.12
N ASP A 283 1.68 5.60 -13.37
CA ASP A 283 2.26 6.17 -14.60
C ASP A 283 2.82 5.05 -15.50
N ASN A 284 2.80 3.78 -14.99
CA ASN A 284 3.27 2.53 -15.61
C ASN A 284 4.79 2.61 -15.84
N MET A 285 5.23 3.41 -16.84
CA MET A 285 6.63 3.63 -17.19
C MET A 285 7.36 4.36 -16.04
N GLY A 286 6.65 5.25 -15.36
CA GLY A 286 7.19 6.03 -14.25
C GLY A 286 7.51 5.25 -12.99
N PHE A 287 6.48 4.63 -12.38
CA PHE A 287 6.63 3.92 -11.11
C PHE A 287 7.23 2.50 -11.24
N TRP A 288 7.18 1.83 -12.42
CA TRP A 288 7.77 0.49 -12.48
C TRP A 288 9.29 0.59 -12.35
N TRP A 289 9.86 1.68 -12.88
CA TRP A 289 11.27 2.04 -12.76
C TRP A 289 11.56 2.64 -11.39
N ILE A 290 10.57 3.35 -10.81
CA ILE A 290 10.73 4.03 -9.52
C ILE A 290 10.92 3.00 -8.39
N LEU A 291 9.82 2.36 -7.90
CA LEU A 291 9.94 1.48 -6.74
C LEU A 291 9.93 -0.02 -7.15
N ARG A 292 9.11 -0.45 -8.14
CA ARG A 292 9.00 -1.87 -8.49
C ARG A 292 10.35 -2.52 -8.89
N PHE A 293 11.36 -1.71 -9.29
CA PHE A 293 12.68 -2.22 -9.70
C PHE A 293 13.47 -2.77 -8.45
N PRO A 294 13.90 -1.96 -7.44
CA PRO A 294 14.72 -2.53 -6.37
C PRO A 294 13.94 -3.38 -5.34
N VAL A 295 12.59 -3.26 -5.24
CA VAL A 295 11.84 -4.09 -4.26
C VAL A 295 11.78 -5.54 -4.79
N PHE A 296 11.75 -5.73 -6.13
CA PHE A 296 11.72 -7.04 -6.76
C PHE A 296 13.11 -7.68 -6.72
N LEU A 297 14.16 -6.85 -6.89
CA LEU A 297 15.57 -7.25 -6.85
C LEU A 297 15.96 -7.78 -5.46
N ALA A 298 15.36 -7.19 -4.40
CA ALA A 298 15.61 -7.55 -3.02
C ALA A 298 14.85 -8.83 -2.61
N ILE A 299 13.53 -8.95 -2.92
CA ILE A 299 12.69 -10.11 -2.52
C ILE A 299 13.16 -11.40 -3.27
N LEU A 300 13.71 -11.26 -4.49
CA LEU A 300 14.17 -12.40 -5.28
C LEU A 300 15.37 -13.12 -4.59
N ILE A 301 16.48 -12.38 -4.40
CA ILE A 301 17.74 -12.89 -3.85
C ILE A 301 17.60 -13.20 -2.31
N ASN A 302 16.57 -12.66 -1.64
CA ASN A 302 16.31 -12.95 -0.23
C ASN A 302 15.66 -14.35 -0.04
N PHE A 303 15.12 -14.95 -1.13
CA PHE A 303 14.51 -16.29 -1.09
C PHE A 303 15.57 -17.39 -1.16
N PHE A 304 16.52 -17.24 -2.08
CA PHE A 304 17.53 -18.25 -2.32
C PHE A 304 18.50 -18.29 -1.15
N ILE A 305 18.59 -17.20 -0.36
CA ILE A 305 19.45 -17.21 0.83
C ILE A 305 18.64 -17.88 1.97
N PHE A 306 17.32 -17.60 2.05
CA PHE A 306 16.36 -18.11 3.03
C PHE A 306 16.29 -19.64 3.01
N VAL A 307 16.24 -20.25 1.80
CA VAL A 307 16.15 -21.71 1.67
C VAL A 307 17.51 -22.35 2.08
N ARG A 308 18.65 -21.61 1.97
CA ARG A 308 19.91 -22.19 2.42
C ARG A 308 20.01 -21.98 3.93
N ILE A 309 19.39 -20.90 4.46
CA ILE A 309 19.32 -20.60 5.89
C ILE A 309 18.70 -21.78 6.63
N VAL A 310 17.53 -22.24 6.15
CA VAL A 310 16.84 -23.38 6.77
C VAL A 310 17.64 -24.68 6.49
N GLN A 311 18.24 -24.81 5.26
CA GLN A 311 19.04 -25.97 4.86
C GLN A 311 20.24 -26.16 5.82
N LEU A 312 20.88 -25.06 6.26
CA LEU A 312 21.98 -25.16 7.20
C LEU A 312 21.45 -25.24 8.62
N LEU A 313 20.25 -24.66 8.88
CA LEU A 313 19.62 -24.64 10.22
C LEU A 313 19.28 -26.07 10.68
N VAL A 314 18.74 -26.91 9.77
CA VAL A 314 18.35 -28.30 10.08
C VAL A 314 19.61 -29.19 10.22
N ALA A 315 20.78 -28.76 9.67
CA ALA A 315 22.04 -29.51 9.81
C ALA A 315 22.56 -29.40 11.24
N LYS A 316 22.25 -28.28 11.89
CA LYS A 316 22.57 -27.96 13.28
C LYS A 316 21.60 -28.64 14.26
N LEU A 317 20.61 -29.43 13.76
CA LEU A 317 19.65 -30.15 14.60
C LEU A 317 20.34 -31.40 15.20
N ARG A 318 20.77 -32.35 14.32
CA ARG A 318 21.47 -33.57 14.74
C ARG A 318 22.84 -33.22 15.34
N ALA A 319 23.56 -32.25 14.71
CA ALA A 319 24.86 -31.76 15.17
C ALA A 319 24.71 -30.98 16.48
N ARG A 320 23.48 -30.54 16.81
CA ARG A 320 23.08 -29.80 18.01
C ARG A 320 24.04 -28.61 18.25
N GLN A 321 24.27 -27.83 17.18
CA GLN A 321 25.08 -26.61 17.20
C GLN A 321 24.17 -25.44 17.61
N MET A 322 23.17 -25.08 16.74
CA MET A 322 22.18 -24.03 16.98
C MET A 322 21.06 -24.61 17.85
N HIS A 323 21.35 -24.73 19.17
CA HIS A 323 20.47 -25.29 20.21
C HIS A 323 19.18 -24.42 20.36
N HIS A 324 18.10 -25.04 20.89
CA HIS A 324 16.76 -24.47 21.10
C HIS A 324 16.79 -23.13 21.83
N THR A 325 17.91 -22.84 22.51
CA THR A 325 18.12 -21.62 23.29
C THR A 325 19.38 -20.84 22.80
N ASP A 326 19.78 -21.00 21.53
CA ASP A 326 20.93 -20.27 21.01
C ASP A 326 20.49 -18.87 20.59
N TYR A 327 21.35 -17.84 20.81
CA TYR A 327 21.03 -16.45 20.44
C TYR A 327 20.94 -16.36 18.91
N LYS A 328 21.74 -17.19 18.23
CA LYS A 328 21.74 -17.33 16.78
C LYS A 328 20.42 -17.95 16.33
N PHE A 329 19.94 -18.97 17.08
CA PHE A 329 18.69 -19.66 16.77
C PHE A 329 17.47 -18.78 17.08
N ARG A 330 17.55 -17.86 18.08
CA ARG A 330 16.43 -16.95 18.39
C ARG A 330 16.17 -15.98 17.23
N LEU A 331 17.27 -15.34 16.75
CA LEU A 331 17.27 -14.40 15.63
C LEU A 331 16.76 -15.08 14.37
N ALA A 332 17.12 -16.38 14.20
CA ALA A 332 16.75 -17.24 13.10
C ALA A 332 15.24 -17.45 13.05
N LYS A 333 14.59 -17.83 14.17
CA LYS A 333 13.12 -18.04 14.17
C LYS A 333 12.35 -16.67 14.18
N SER A 334 13.09 -15.53 14.12
CA SER A 334 12.53 -14.18 14.09
C SER A 334 12.81 -13.47 12.75
N THR A 335 13.93 -13.79 12.06
CA THR A 335 14.24 -13.13 10.79
C THR A 335 13.58 -13.95 9.62
N LEU A 336 13.52 -15.31 9.72
CA LEU A 336 12.88 -16.16 8.69
C LEU A 336 11.34 -16.12 8.85
N THR A 337 10.86 -15.28 9.78
CA THR A 337 9.44 -15.08 10.09
C THR A 337 9.06 -13.69 9.52
N LEU A 338 10.04 -12.93 9.01
CA LEU A 338 9.86 -11.58 8.50
C LEU A 338 10.29 -11.44 7.04
N ILE A 339 11.01 -12.43 6.53
CA ILE A 339 11.49 -12.38 5.16
C ILE A 339 10.37 -12.92 4.23
N PRO A 340 9.54 -13.94 4.62
CA PRO A 340 8.48 -14.39 3.71
C PRO A 340 7.15 -13.64 3.98
N LEU A 341 6.69 -13.60 5.26
CA LEU A 341 5.46 -12.92 5.69
C LEU A 341 5.39 -11.50 5.10
N LEU A 342 6.41 -10.66 5.40
CA LEU A 342 6.51 -9.28 4.92
C LEU A 342 6.81 -9.25 3.41
N GLY A 343 7.63 -10.19 2.94
CA GLY A 343 8.04 -10.29 1.55
C GLY A 343 6.95 -10.66 0.56
N VAL A 344 6.25 -11.78 0.79
CA VAL A 344 5.20 -12.31 -0.08
C VAL A 344 3.96 -11.39 -0.11
N HIS A 345 3.45 -10.93 1.07
CA HIS A 345 2.21 -10.13 1.11
C HIS A 345 2.42 -8.72 0.50
N GLU A 346 3.68 -8.22 0.43
CA GLU A 346 3.90 -6.91 -0.18
C GLU A 346 4.47 -7.12 -1.61
N VAL A 347 4.42 -8.40 -2.07
CA VAL A 347 4.75 -8.84 -3.43
C VAL A 347 3.43 -9.15 -4.15
N VAL A 348 2.38 -9.53 -3.39
CA VAL A 348 1.01 -9.74 -3.88
C VAL A 348 0.43 -8.35 -4.22
N PHE A 349 0.95 -7.32 -3.52
CA PHE A 349 0.65 -5.90 -3.60
C PHE A 349 0.71 -5.36 -5.04
N ALA A 350 1.83 -5.56 -5.74
CA ALA A 350 2.05 -5.01 -7.10
C ALA A 350 1.30 -5.82 -8.20
N PHE A 351 1.51 -7.16 -8.29
CA PHE A 351 0.88 -7.99 -9.32
C PHE A 351 0.72 -9.48 -8.86
N VAL A 352 -0.52 -9.85 -8.50
CA VAL A 352 -1.01 -11.18 -8.12
C VAL A 352 -2.45 -11.26 -8.59
N THR A 353 -3.14 -10.14 -8.37
CA THR A 353 -4.48 -9.79 -8.85
C THR A 353 -4.21 -8.48 -9.63
N ASP A 354 -3.48 -8.64 -10.77
CA ASP A 354 -2.95 -7.58 -11.64
C ASP A 354 -4.02 -7.02 -12.65
N GLU A 355 -5.20 -7.66 -12.79
CA GLU A 355 -6.26 -7.19 -13.71
C GLU A 355 -6.96 -5.95 -13.12
N HIS A 356 -7.19 -4.91 -13.96
CA HIS A 356 -7.87 -3.66 -13.57
C HIS A 356 -9.33 -3.95 -13.10
N ALA A 357 -10.00 -4.92 -13.77
CA ALA A 357 -11.37 -5.42 -13.53
C ALA A 357 -12.38 -4.25 -13.40
N GLN A 358 -12.51 -3.69 -12.18
CA GLN A 358 -13.45 -2.61 -11.85
C GLN A 358 -13.02 -1.93 -10.54
N GLY A 359 -13.56 -0.75 -10.28
CA GLY A 359 -13.27 0.04 -9.09
C GLY A 359 -13.66 -0.60 -7.77
N THR A 360 -14.86 -1.25 -7.73
CA THR A 360 -15.42 -1.92 -6.53
C THR A 360 -14.44 -3.02 -6.02
N LEU A 361 -13.90 -3.85 -6.95
CA LEU A 361 -12.97 -4.93 -6.62
C LEU A 361 -11.53 -4.40 -6.49
N ARG A 362 -11.20 -3.25 -7.11
CA ARG A 362 -9.86 -2.65 -7.03
C ARG A 362 -9.61 -2.08 -5.62
N SER A 363 -10.59 -1.32 -5.08
CA SER A 363 -10.51 -0.69 -3.77
C SER A 363 -10.35 -1.73 -2.65
N ALA A 364 -11.03 -2.90 -2.77
CA ALA A 364 -10.95 -4.01 -1.80
C ALA A 364 -9.49 -4.52 -1.66
N LYS A 365 -8.73 -4.50 -2.76
CA LYS A 365 -7.32 -4.88 -2.77
C LYS A 365 -6.54 -3.80 -2.03
N LEU A 366 -6.65 -2.53 -2.49
CA LEU A 366 -6.01 -1.35 -1.92
C LEU A 366 -6.21 -1.24 -0.40
N PHE A 367 -7.47 -1.31 0.08
CA PHE A 367 -7.78 -1.22 1.50
C PHE A 367 -7.23 -2.41 2.27
N PHE A 368 -7.18 -3.62 1.65
CA PHE A 368 -6.64 -4.81 2.31
C PHE A 368 -5.11 -4.70 2.45
N ASP A 369 -4.43 -4.12 1.43
CA ASP A 369 -2.99 -3.91 1.47
C ASP A 369 -2.65 -2.79 2.44
N LEU A 370 -3.44 -1.71 2.50
CA LEU A 370 -3.23 -0.60 3.44
C LEU A 370 -3.33 -1.07 4.93
N PHE A 371 -4.21 -2.07 5.22
CA PHE A 371 -4.42 -2.60 6.57
C PHE A 371 -3.17 -3.33 7.10
N LEU A 372 -2.61 -4.22 6.27
CA LEU A 372 -1.43 -5.00 6.63
C LEU A 372 -0.19 -4.12 6.59
N SER A 373 -0.11 -3.23 5.58
CA SER A 373 0.97 -2.27 5.36
C SER A 373 1.03 -1.22 6.49
N SER A 374 -0.09 -1.02 7.24
CA SER A 374 -0.09 -0.07 8.36
C SER A 374 0.61 -0.68 9.57
N PHE A 375 0.11 -1.83 10.07
CA PHE A 375 0.66 -2.55 11.24
C PHE A 375 2.00 -3.27 10.92
N GLN A 376 2.71 -2.83 9.85
CA GLN A 376 3.94 -3.44 9.36
C GLN A 376 5.10 -3.26 10.39
N GLY A 377 5.38 -2.00 10.74
CA GLY A 377 6.43 -1.61 11.69
C GLY A 377 6.18 -1.98 13.15
N LEU A 378 4.93 -2.35 13.50
CA LEU A 378 4.61 -2.82 14.85
C LEU A 378 5.25 -4.18 15.10
N LEU A 379 4.93 -5.14 14.20
CA LEU A 379 5.33 -6.54 14.23
C LEU A 379 6.88 -6.68 14.13
N VAL A 380 7.60 -5.77 13.38
CA VAL A 380 9.07 -5.84 13.32
C VAL A 380 9.65 -5.40 14.70
N ALA A 381 9.09 -4.31 15.28
CA ALA A 381 9.48 -3.77 16.58
C ALA A 381 9.28 -4.83 17.66
N VAL A 382 8.23 -5.66 17.51
CA VAL A 382 7.91 -6.74 18.45
C VAL A 382 8.89 -7.93 18.24
N LEU A 383 8.97 -8.51 17.02
CA LEU A 383 9.80 -9.69 16.70
C LEU A 383 11.31 -9.48 17.04
N TYR A 384 11.93 -8.38 16.58
CA TYR A 384 13.37 -8.19 16.82
C TYR A 384 13.69 -7.50 18.14
N CYS A 385 12.90 -6.51 18.58
CA CYS A 385 13.26 -5.75 19.77
C CYS A 385 12.58 -6.30 21.05
N PHE A 386 11.26 -6.15 21.17
CA PHE A 386 10.53 -6.50 22.40
C PHE A 386 10.44 -8.04 22.64
N LEU A 387 10.83 -8.90 21.67
CA LEU A 387 10.72 -10.36 21.85
C LEU A 387 12.09 -11.02 22.09
N ASN A 388 13.19 -10.27 21.97
CA ASN A 388 14.53 -10.81 22.21
C ASN A 388 14.77 -10.90 23.72
N LYS A 389 15.22 -12.07 24.18
CA LYS A 389 15.38 -12.38 25.60
C LYS A 389 16.54 -11.58 26.26
N GLU A 390 17.61 -11.25 25.53
CA GLU A 390 18.70 -10.48 26.16
C GLU A 390 18.34 -8.97 26.14
N VAL A 391 17.37 -8.59 25.32
CA VAL A 391 16.90 -7.20 25.25
C VAL A 391 15.93 -6.95 26.47
N GLN A 392 14.98 -7.90 26.71
CA GLN A 392 14.03 -7.89 27.82
C GLN A 392 14.72 -7.80 29.20
N SER A 393 15.84 -8.53 29.36
CA SER A 393 16.62 -8.65 30.60
C SER A 393 17.37 -7.36 30.95
N GLU A 394 18.20 -6.82 30.01
CA GLU A 394 18.99 -5.61 30.27
C GLU A 394 18.06 -4.44 30.61
N LEU A 395 16.87 -4.47 30.02
CA LEU A 395 15.82 -3.50 30.26
C LEU A 395 15.35 -3.60 31.74
N ARG A 396 15.04 -4.82 32.24
CA ARG A 396 14.61 -4.99 33.64
C ARG A 396 15.81 -4.76 34.58
N ARG A 397 17.06 -4.98 34.11
CA ARG A 397 18.24 -4.75 34.95
C ARG A 397 18.39 -3.30 35.33
N ARG A 398 18.42 -2.41 34.34
CA ARG A 398 18.60 -0.98 34.55
C ARG A 398 17.33 -0.34 35.17
N TRP A 399 16.18 -1.07 35.18
CA TRP A 399 14.97 -0.53 35.78
C TRP A 399 15.08 -0.56 37.30
N HIS A 400 15.62 -1.66 37.85
CA HIS A 400 15.81 -1.86 39.29
C HIS A 400 16.99 -1.06 39.80
N ARG A 401 18.00 -0.83 38.93
CA ARG A 401 19.21 -0.05 39.24
C ARG A 401 18.84 1.44 39.35
N TRP A 402 17.94 1.90 38.46
CA TRP A 402 17.39 3.26 38.46
C TRP A 402 16.55 3.46 39.69
N ARG A 403 15.68 2.48 39.97
CA ARG A 403 14.83 2.46 41.16
C ARG A 403 15.69 2.51 42.42
N LEU A 404 16.80 1.72 42.45
CA LEU A 404 17.78 1.71 43.53
C LEU A 404 18.47 3.05 43.58
N GLY A 405 18.84 3.58 42.40
CA GLY A 405 19.44 4.90 42.26
C GLY A 405 18.62 5.96 42.96
N LYS A 406 17.29 6.04 42.63
CA LYS A 406 16.34 6.97 43.24
C LYS A 406 16.32 6.82 44.76
N VAL A 407 16.28 5.57 45.29
CA VAL A 407 16.23 5.26 46.72
C VAL A 407 17.45 5.87 47.44
N LEU A 408 18.66 5.62 46.92
CA LEU A 408 19.92 6.11 47.48
C LEU A 408 20.02 7.63 47.35
N TRP A 409 19.47 8.20 46.25
CA TRP A 409 19.42 9.65 46.02
C TRP A 409 18.61 10.34 47.12
N GLU A 410 17.48 9.72 47.57
CA GLU A 410 16.61 10.25 48.63
C GLU A 410 17.32 10.18 49.99
N GLU A 411 18.19 9.16 50.16
CA GLU A 411 19.00 8.94 51.35
C GLU A 411 20.11 10.00 51.46
N ARG A 412 20.72 10.38 50.31
CA ARG A 412 21.78 11.39 50.19
C ARG A 412 21.36 12.73 50.84
N ASN A 413 20.13 13.18 50.54
CA ASN A 413 19.60 14.44 51.04
C ASN A 413 18.64 14.19 52.21
C1 PEG B . 10.12 -15.08 18.09
O1 PEG B . 9.17 -16.12 18.13
C2 PEG B . 10.98 -15.04 19.33
O2 PEG B . 11.93 -13.99 19.24
C3 PEG B . 13.28 -14.45 19.36
C4 PEG B . 14.24 -13.29 19.47
O4 PEG B . 14.21 -12.46 18.32
#